data_8K8D
#
_entry.id   8K8D
#
_cell.length_a   63.668
_cell.length_b   46.400
_cell.length_c   98.783
_cell.angle_alpha   90.00
_cell.angle_beta   108.76
_cell.angle_gamma   90.00
#
_symmetry.space_group_name_H-M   'C 1 2 1'
#
loop_
_entity.id
_entity.type
_entity.pdbx_description
1 polymer 'CCAAT/enhancer-binding protein beta'
2 polymer "DNA (5'-D(*CP*AP*TP*TP*AP*CP*GP*TP*AP*AP*TP*G)-3')"
3 water water
#
loop_
_entity_poly.entity_id
_entity_poly.type
_entity_poly.pdbx_seq_one_letter_code
_entity_poly.pdbx_strand_id
1 'polypeptide(L)' GVKSKAKKTVDKHSDEYKIRRERNNIAVRKSRDKAKMRNLETQHKVLELTAENERLQKKVEQLSRELSTLRNLFKQLPE A,B
2 'polydeoxyribonucleotide' (DC)(DA)(DT)(DT)(DA)(DC)(DG)(DT)(DA)(DA)(DT)(DG) C,D
#
loop_
_chem_comp.id
_chem_comp.type
_chem_comp.name
_chem_comp.formula
DA DNA linking 2'-DEOXYADENOSINE-5'-MONOPHOSPHATE 'C10 H14 N5 O6 P'
DC DNA linking 2'-DEOXYCYTIDINE-5'-MONOPHOSPHATE 'C9 H14 N3 O7 P'
DG DNA linking 2'-DEOXYGUANOSINE-5'-MONOPHOSPHATE 'C10 H14 N5 O7 P'
DT DNA linking THYMIDINE-5'-MONOPHOSPHATE 'C10 H15 N2 O8 P'
#
# COMPACT_ATOMS: atom_id res chain seq x y z
N ASP A 11 32.75 -27.62 -20.28
CA ASP A 11 31.33 -27.37 -20.05
C ASP A 11 31.06 -25.88 -19.86
N LYS A 12 31.80 -25.26 -18.93
CA LYS A 12 31.70 -23.82 -18.71
C LYS A 12 32.49 -23.02 -19.74
N HIS A 13 33.38 -23.67 -20.47
CA HIS A 13 34.09 -23.05 -21.58
C HIS A 13 33.44 -23.34 -22.91
N SER A 14 32.37 -24.13 -22.92
CA SER A 14 31.60 -24.34 -24.13
C SER A 14 30.85 -23.07 -24.49
N ASP A 15 30.65 -22.86 -25.80
CA ASP A 15 29.96 -21.65 -26.22
C ASP A 15 28.49 -21.66 -25.80
N GLU A 16 27.89 -22.85 -25.65
CA GLU A 16 26.48 -22.90 -25.30
C GLU A 16 26.25 -22.48 -23.85
N TYR A 17 27.20 -22.77 -22.95
CA TYR A 17 27.07 -22.28 -21.58
C TYR A 17 27.20 -20.76 -21.53
N LYS A 18 28.12 -20.19 -22.31
CA LYS A 18 28.30 -18.75 -22.30
C LYS A 18 27.04 -18.04 -22.78
N ILE A 19 26.42 -18.51 -23.86
CA ILE A 19 25.17 -17.93 -24.33
C ILE A 19 24.08 -18.11 -23.30
N ARG A 20 23.97 -19.32 -22.75
CA ARG A 20 23.01 -19.60 -21.68
C ARG A 20 23.11 -18.57 -20.56
N ARG A 21 24.33 -18.29 -20.09
CA ARG A 21 24.46 -17.33 -19.01
C ARG A 21 24.07 -15.93 -19.48
N GLU A 22 24.51 -15.54 -20.69
CA GLU A 22 24.15 -14.22 -21.23
C GLU A 22 22.65 -13.99 -21.17
N ARG A 23 21.86 -14.98 -21.62
CA ARG A 23 20.41 -14.81 -21.69
C ARG A 23 19.80 -14.80 -20.29
N ASN A 24 20.29 -15.64 -19.40
CA ASN A 24 19.71 -15.64 -18.07
C ASN A 24 20.04 -14.34 -17.34
N ASN A 25 21.26 -13.85 -17.48
CA ASN A 25 21.63 -12.57 -16.87
C ASN A 25 20.70 -11.45 -17.32
N ILE A 26 20.31 -11.45 -18.59
CA ILE A 26 19.36 -10.46 -19.10
C ILE A 26 17.99 -10.67 -18.48
N ALA A 27 17.54 -11.92 -18.39
CA ALA A 27 16.25 -12.21 -17.79
C ALA A 27 16.23 -11.87 -16.31
N VAL A 28 17.34 -12.11 -15.60
CA VAL A 28 17.37 -11.77 -14.17
C VAL A 28 17.22 -10.27 -13.96
N ARG A 29 18.02 -9.48 -14.67
CA ARG A 29 17.94 -8.02 -14.60
C ARG A 29 16.53 -7.54 -14.87
N LYS A 30 15.92 -8.05 -15.94
CA LYS A 30 14.54 -7.69 -16.26
C LYS A 30 13.59 -8.07 -15.13
N SER A 31 13.74 -9.27 -14.57
CA SER A 31 12.78 -9.70 -13.56
C SER A 31 12.96 -8.91 -12.27
N ARG A 32 14.20 -8.58 -11.92
CA ARG A 32 14.41 -7.73 -10.76
C ARG A 32 13.90 -6.33 -10.99
N ASP A 33 13.95 -5.84 -12.22
CA ASP A 33 13.49 -4.47 -12.40
C ASP A 33 11.97 -4.40 -12.42
N LYS A 34 11.29 -5.45 -12.89
CA LYS A 34 9.85 -5.46 -12.83
C LYS A 34 9.36 -5.62 -11.40
N ALA A 35 10.09 -6.38 -10.58
CA ALA A 35 9.77 -6.51 -9.16
C ALA A 35 9.85 -5.16 -8.46
N LYS A 36 10.90 -4.40 -8.74
CA LYS A 36 10.99 -3.02 -8.27
C LYS A 36 9.70 -2.26 -8.58
N MET A 37 9.30 -2.27 -9.86
CA MET A 37 8.16 -1.47 -10.28
C MET A 37 6.88 -1.91 -9.56
N ARG A 38 6.70 -3.22 -9.39
CA ARG A 38 5.51 -3.67 -8.68
C ARG A 38 5.50 -3.15 -7.24
N ASN A 39 6.68 -3.07 -6.61
CA ASN A 39 6.80 -2.46 -5.28
C ASN A 39 6.49 -0.97 -5.32
N LEU A 40 7.04 -0.25 -6.30
CA LEU A 40 6.73 1.18 -6.43
C LEU A 40 5.24 1.40 -6.65
N GLU A 41 4.59 0.55 -7.45
CA GLU A 41 3.15 0.69 -7.67
C GLU A 41 2.38 0.50 -6.37
N THR A 42 2.75 -0.52 -5.60
CA THR A 42 2.11 -0.77 -4.30
C THR A 42 2.29 0.42 -3.37
N GLN A 43 3.50 1.00 -3.37
CA GLN A 43 3.74 2.25 -2.64
C GLN A 43 2.87 3.38 -3.20
N HIS A 44 2.75 3.48 -4.52
CA HIS A 44 1.89 4.51 -5.09
C HIS A 44 0.44 4.30 -4.67
N LYS A 45 0.02 3.04 -4.53
CA LYS A 45 -1.35 2.74 -4.12
C LYS A 45 -1.61 3.24 -2.71
N VAL A 46 -0.63 3.08 -1.81
CA VAL A 46 -0.81 3.55 -0.43
C VAL A 46 -1.07 5.05 -0.43
N LEU A 47 -0.39 5.79 -1.29
CA LEU A 47 -0.58 7.23 -1.31
C LEU A 47 -1.92 7.60 -1.90
N GLU A 48 -2.40 6.82 -2.88
CA GLU A 48 -3.71 7.09 -3.46
C GLU A 48 -4.83 6.79 -2.46
N LEU A 49 -4.75 5.64 -1.78
CA LEU A 49 -5.76 5.33 -0.79
C LEU A 49 -5.74 6.36 0.35
N THR A 50 -4.54 6.76 0.78
CA THR A 50 -4.43 7.75 1.84
C THR A 50 -5.07 9.07 1.43
N ALA A 51 -4.80 9.53 0.21
CA ALA A 51 -5.40 10.79 -0.25
C ALA A 51 -6.90 10.67 -0.37
N GLU A 52 -7.38 9.58 -0.96
CA GLU A 52 -8.82 9.40 -1.06
C GLU A 52 -9.45 9.20 0.32
N ASN A 53 -8.70 8.57 1.22
CA ASN A 53 -9.16 8.42 2.60
C ASN A 53 -9.33 9.77 3.25
N GLU A 54 -8.33 10.65 3.10
CA GLU A 54 -8.46 11.99 3.64
C GLU A 54 -9.66 12.71 3.04
N ARG A 55 -9.85 12.58 1.73
CA ARG A 55 -11.00 13.23 1.11
C ARG A 55 -12.30 12.73 1.71
N LEU A 56 -12.40 11.44 2.00
CA LEU A 56 -13.67 10.86 2.41
C LEU A 56 -14.05 11.23 3.85
N GLN A 57 -13.07 11.27 4.76
CA GLN A 57 -13.39 11.65 6.14
C GLN A 57 -13.78 13.12 6.20
N LYS A 58 -13.13 13.98 5.42
CA LYS A 58 -13.55 15.37 5.37
C LYS A 58 -14.95 15.51 4.82
N LYS A 59 -15.35 14.65 3.89
CA LYS A 59 -16.73 14.64 3.42
C LYS A 59 -17.68 14.17 4.52
N VAL A 60 -17.34 13.07 5.19
CA VAL A 60 -18.10 12.61 6.34
C VAL A 60 -18.21 13.71 7.37
N GLU A 61 -17.13 14.46 7.57
CA GLU A 61 -17.15 15.53 8.57
C GLU A 61 -18.07 16.66 8.15
N GLN A 62 -18.12 16.96 6.86
CA GLN A 62 -19.02 18.00 6.37
C GLN A 62 -20.47 17.59 6.57
N LEU A 63 -20.81 16.38 6.14
CA LEU A 63 -22.17 15.88 6.29
C LEU A 63 -22.53 15.72 7.76
N SER A 64 -21.59 15.27 8.59
CA SER A 64 -21.85 15.17 10.02
C SER A 64 -22.21 16.53 10.59
N ARG A 65 -21.47 17.56 10.20
CA ARG A 65 -21.73 18.91 10.69
C ARG A 65 -23.10 19.39 10.22
N GLU A 66 -23.32 19.38 8.90
CA GLU A 66 -24.61 19.78 8.35
C GLU A 66 -25.74 19.05 9.05
N LEU A 67 -25.59 17.73 9.27
CA LEU A 67 -26.61 17.00 10.00
C LEU A 67 -26.73 17.47 11.45
N SER A 68 -25.62 17.43 12.19
CA SER A 68 -25.68 17.77 13.61
C SER A 68 -26.19 19.19 13.81
N THR A 69 -25.76 20.12 12.97
CA THR A 69 -26.27 21.50 13.03
C THR A 69 -27.79 21.51 13.02
N LEU A 70 -28.38 20.73 12.13
CA LEU A 70 -29.83 20.70 11.99
C LEU A 70 -30.49 20.08 13.20
N ARG A 71 -29.98 18.92 13.66
CA ARG A 71 -30.54 18.24 14.81
C ARG A 71 -30.65 19.17 16.00
N ASN A 72 -29.66 20.04 16.19
CA ASN A 72 -29.63 20.89 17.36
C ASN A 72 -30.60 22.07 17.26
N LEU A 73 -30.83 22.58 16.05
CA LEU A 73 -31.78 23.69 15.90
C LEU A 73 -33.22 23.20 15.88
N PHE A 74 -33.45 21.94 15.51
CA PHE A 74 -34.78 21.38 15.62
C PHE A 74 -35.25 21.30 17.06
N LYS A 75 -34.43 20.71 17.94
CA LYS A 75 -34.75 20.67 19.36
C LYS A 75 -34.84 22.06 19.96
N GLN A 76 -34.26 23.06 19.28
CA GLN A 76 -34.17 24.43 19.79
C GLN A 76 -35.50 25.17 19.74
N LEU A 77 -36.62 24.44 19.63
CA LEU A 77 -37.91 25.11 19.58
C LEU A 77 -39.04 24.19 20.03
N PRO A 78 -39.44 24.26 21.31
CA PRO A 78 -40.60 23.47 21.79
C PRO A 78 -41.88 23.78 21.02
N ASP B 11 43.93 -14.37 -1.95
CA ASP B 11 43.20 -13.69 -0.88
C ASP B 11 42.55 -14.71 0.06
N LYS B 12 41.84 -15.68 -0.52
CA LYS B 12 41.01 -16.59 0.23
C LYS B 12 41.83 -17.77 0.72
N HIS B 13 41.13 -18.80 1.21
CA HIS B 13 41.68 -19.96 1.93
C HIS B 13 42.11 -19.55 3.34
N SER B 14 42.23 -18.25 3.56
CA SER B 14 42.60 -17.74 4.87
C SER B 14 41.43 -17.84 5.83
N ASP B 15 41.75 -17.99 7.12
CA ASP B 15 40.69 -17.98 8.12
C ASP B 15 39.94 -16.65 8.10
N GLU B 16 40.68 -15.56 7.96
CA GLU B 16 40.15 -14.21 7.83
C GLU B 16 38.96 -14.15 6.86
N TYR B 17 39.16 -14.67 5.65
CA TYR B 17 38.17 -14.53 4.59
C TYR B 17 36.97 -15.46 4.81
N LYS B 18 37.21 -16.68 5.27
CA LYS B 18 36.12 -17.63 5.48
C LYS B 18 35.12 -17.09 6.49
N ILE B 19 35.61 -16.53 7.59
CA ILE B 19 34.76 -15.96 8.62
C ILE B 19 34.03 -14.74 8.10
N ARG B 20 34.74 -13.86 7.39
CA ARG B 20 34.10 -12.67 6.84
C ARG B 20 32.93 -13.04 5.94
N ARG B 21 33.07 -14.11 5.15
CA ARG B 21 31.95 -14.53 4.30
C ARG B 21 30.80 -15.09 5.14
N GLU B 22 31.12 -15.96 6.11
CA GLU B 22 30.09 -16.51 6.98
C GLU B 22 29.22 -15.40 7.56
N ARG B 23 29.86 -14.34 8.05
CA ARG B 23 29.11 -13.25 8.66
C ARG B 23 28.32 -12.44 7.63
N ASN B 24 28.91 -12.17 6.47
CA ASN B 24 28.15 -11.40 5.47
C ASN B 24 26.95 -12.19 4.99
N ASN B 25 27.12 -13.50 4.78
CA ASN B 25 26.02 -14.35 4.36
C ASN B 25 24.85 -14.32 5.34
N ILE B 26 25.17 -14.33 6.65
CA ILE B 26 24.14 -14.21 7.67
C ILE B 26 23.43 -12.86 7.54
N ALA B 27 24.21 -11.79 7.43
CA ALA B 27 23.63 -10.46 7.30
C ALA B 27 22.78 -10.32 6.04
N VAL B 28 23.24 -10.86 4.91
CA VAL B 28 22.45 -10.79 3.68
C VAL B 28 21.08 -11.42 3.89
N ARG B 29 21.05 -12.66 4.37
CA ARG B 29 19.80 -13.36 4.67
C ARG B 29 18.89 -12.54 5.57
N LYS B 30 19.46 -11.97 6.64
CA LYS B 30 18.66 -11.11 7.51
C LYS B 30 18.12 -9.92 6.73
N SER B 31 18.99 -9.24 5.98
CA SER B 31 18.54 -8.04 5.26
C SER B 31 17.47 -8.36 4.23
N ARG B 32 17.56 -9.51 3.58
CA ARG B 32 16.55 -9.88 2.60
C ARG B 32 15.25 -10.29 3.28
N ASP B 33 15.34 -10.89 4.47
CA ASP B 33 14.12 -11.25 5.17
C ASP B 33 13.41 -10.02 5.71
N LYS B 34 14.18 -9.02 6.15
CA LYS B 34 13.55 -7.80 6.63
C LYS B 34 12.91 -7.03 5.47
N ALA B 35 13.48 -7.11 4.28
CA ALA B 35 12.91 -6.47 3.11
C ALA B 35 11.60 -7.13 2.70
N LYS B 36 11.57 -8.46 2.67
CA LYS B 36 10.32 -9.20 2.51
C LYS B 36 9.22 -8.64 3.40
N MET B 37 9.54 -8.40 4.67
CA MET B 37 8.51 -8.04 5.64
C MET B 37 8.02 -6.61 5.45
N ARG B 38 8.91 -5.66 5.15
CA ARG B 38 8.44 -4.31 4.85
C ARG B 38 7.52 -4.32 3.64
N ASN B 39 7.87 -5.08 2.60
CA ASN B 39 6.97 -5.30 1.47
C ASN B 39 5.65 -5.93 1.92
N LEU B 40 5.73 -6.95 2.77
CA LEU B 40 4.53 -7.52 3.37
C LEU B 40 3.72 -6.46 4.12
N GLU B 41 4.40 -5.61 4.90
CA GLU B 41 3.72 -4.57 5.65
C GLU B 41 3.02 -3.59 4.72
N THR B 42 3.70 -3.18 3.65
CA THR B 42 3.13 -2.22 2.71
C THR B 42 1.86 -2.76 2.08
N GLN B 43 1.82 -4.06 1.77
CA GLN B 43 0.60 -4.65 1.23
C GLN B 43 -0.45 -4.84 2.31
N HIS B 44 -0.05 -5.04 3.55
CA HIS B 44 -1.03 -4.97 4.63
C HIS B 44 -1.66 -3.59 4.69
N LYS B 45 -0.86 -2.55 4.45
CA LYS B 45 -1.36 -1.18 4.54
C LYS B 45 -2.39 -0.89 3.44
N VAL B 46 -2.19 -1.44 2.23
CA VAL B 46 -3.18 -1.18 1.19
C VAL B 46 -4.51 -1.84 1.55
N LEU B 47 -4.46 -3.00 2.20
CA LEU B 47 -5.71 -3.66 2.55
C LEU B 47 -6.45 -2.92 3.67
N GLU B 48 -5.73 -2.27 4.58
CA GLU B 48 -6.42 -1.50 5.61
C GLU B 48 -6.93 -0.19 5.07
N LEU B 49 -6.15 0.48 4.24
CA LEU B 49 -6.67 1.68 3.60
C LEU B 49 -7.88 1.35 2.73
N THR B 50 -7.86 0.19 2.08
CA THR B 50 -8.99 -0.21 1.25
C THR B 50 -10.20 -0.52 2.12
N ALA B 51 -10.01 -1.31 3.19
CA ALA B 51 -11.10 -1.58 4.11
C ALA B 51 -11.63 -0.30 4.74
N GLU B 52 -10.74 0.58 5.19
CA GLU B 52 -11.20 1.84 5.79
C GLU B 52 -11.85 2.71 4.73
N ASN B 53 -11.39 2.64 3.49
CA ASN B 53 -12.04 3.38 2.41
C ASN B 53 -13.49 2.98 2.25
N GLU B 54 -13.74 1.66 2.17
CA GLU B 54 -15.10 1.19 2.01
C GLU B 54 -15.96 1.61 3.19
N ARG B 55 -15.41 1.54 4.40
CA ARG B 55 -16.14 2.00 5.57
C ARG B 55 -16.56 3.46 5.41
N LEU B 56 -15.63 4.32 4.98
CA LEU B 56 -15.93 5.75 4.90
C LEU B 56 -16.91 6.06 3.78
N GLN B 57 -16.79 5.34 2.65
CA GLN B 57 -17.72 5.49 1.55
C GLN B 57 -19.15 5.22 2.03
N LYS B 58 -19.33 4.12 2.75
CA LYS B 58 -20.66 3.74 3.20
C LYS B 58 -21.22 4.76 4.19
N LYS B 59 -20.37 5.39 4.99
CA LYS B 59 -20.84 6.47 5.87
C LYS B 59 -21.28 7.69 5.06
N VAL B 60 -20.45 8.13 4.11
CA VAL B 60 -20.80 9.24 3.23
C VAL B 60 -22.15 8.97 2.57
N GLU B 61 -22.34 7.74 2.09
CA GLU B 61 -23.59 7.37 1.46
C GLU B 61 -24.75 7.42 2.43
N GLN B 62 -24.53 6.95 3.67
CA GLN B 62 -25.62 6.98 4.65
C GLN B 62 -25.99 8.41 5.01
N LEU B 63 -24.98 9.24 5.25
CA LEU B 63 -25.24 10.64 5.53
C LEU B 63 -25.86 11.33 4.32
N SER B 64 -25.32 11.08 3.13
CA SER B 64 -25.90 11.65 1.91
C SER B 64 -27.37 11.30 1.78
N ARG B 65 -27.70 10.03 2.02
CA ARG B 65 -29.10 9.62 1.99
C ARG B 65 -29.90 10.40 3.01
N GLU B 66 -29.48 10.36 4.27
CA GLU B 66 -30.21 11.04 5.34
C GLU B 66 -30.43 12.51 5.00
N LEU B 67 -29.39 13.20 4.53
CA LEU B 67 -29.54 14.58 4.08
C LEU B 67 -30.54 14.68 2.94
N SER B 68 -30.36 13.86 1.90
CA SER B 68 -31.13 14.03 0.68
C SER B 68 -32.62 13.81 0.90
N THR B 69 -32.98 12.80 1.71
CA THR B 69 -34.39 12.63 2.03
C THR B 69 -34.97 13.86 2.71
N LEU B 70 -34.17 14.51 3.55
CA LEU B 70 -34.61 15.72 4.23
C LEU B 70 -34.98 16.81 3.24
N ARG B 71 -34.05 17.17 2.36
CA ARG B 71 -34.29 18.23 1.38
C ARG B 71 -35.54 17.96 0.56
N ASN B 72 -35.70 16.72 0.08
CA ASN B 72 -36.88 16.37 -0.70
C ASN B 72 -38.16 16.59 0.10
N LEU B 73 -38.21 16.06 1.33
CA LEU B 73 -39.42 16.21 2.13
C LEU B 73 -39.72 17.66 2.48
N PHE B 74 -38.78 18.57 2.28
CA PHE B 74 -39.02 19.95 2.66
C PHE B 74 -39.76 20.75 1.62
N LYS B 75 -39.82 20.29 0.37
CA LYS B 75 -40.49 21.04 -0.68
C LYS B 75 -41.97 20.72 -0.78
N GLN B 76 -42.57 20.25 0.30
CA GLN B 76 -44.00 19.91 0.30
C GLN B 76 -44.78 21.10 0.84
#